data_5D6K
#
_entry.id   5D6K
#
_cell.length_a   101.690
_cell.length_b   110.910
_cell.length_c   112.360
_cell.angle_alpha   90.00
_cell.angle_beta   90.00
_cell.angle_gamma   90.00
#
_symmetry.space_group_name_H-M   'C 2 2 21'
#
loop_
_entity.id
_entity.type
_entity.pdbx_description
1 polymer 'Di-or tripeptide:H+ symporter'
2 non-polymer 'PHOSPHATE ION'
3 non-polymer '(2R)-2,3-dihydroxypropyl (9Z)-hexadec-9-enoate'
4 non-polymer '(2S)-2,3-dihydroxypropyl (9Z)-hexadec-9-enoate'
5 water water
#
_entity_poly.entity_id   1
_entity_poly.type   'polypeptide(L)'
_entity_poly.pdbx_seq_one_letter_code
;MEDKGKTFFGQPLGLSTLFMTEMWERFSYYGMRAILLYYMWFLISTGDLHITRATAASIMAIYASMVYLSGTIGGFVADR
IIGARPAVFWGGVLIMLGHIVLALPFGASALFGSIILIIIGTGFLKPNVSTLVGTLYDEHDRRRDAGFSIFVFGINLGAF
IAPLIVGAAQEAAGYHVAFSLAAIGMFIGLLVYYFGGKKTLDPHYLRPTDPLAPEEVKPLLVKVSLAVAGFIAIIVVMNL
VGWNSLPAYINLLTIVAIAIPVFYFAWMISSVKVTSTEHLRVVSYIPLFIAAVLFWAIEEQGSVVLATFAAERVDSSWFP
VSWFQSLNPLFIMLYTPFFAWLWTAWKKNQPSSPTKFAVGLMFAGLSFLLMAIPGALYGTSGKVSPLWLVGSWALVILGE
MLISPVGLSVTTKLAPKAFNSQMMSMWFLSSSVGSALNAQLVTLYNAKSEVAYFSYFGLGSVVLGIVLVFLSKRIQGLMQ
GVE
;
_entity_poly.pdbx_strand_id   A
#
loop_
_chem_comp.id
_chem_comp.type
_chem_comp.name
_chem_comp.formula
97M non-polymer '(2R)-2,3-dihydroxypropyl (9Z)-hexadec-9-enoate' 'C19 H36 O4'
97N non-polymer '(2S)-2,3-dihydroxypropyl (9Z)-hexadec-9-enoate' 'C19 H36 O4'
PO4 non-polymer 'PHOSPHATE ION' 'O4 P -3'
#
# COMPACT_ATOMS: atom_id res chain seq x y z
N LYS A 6 20.22 -20.35 20.95
CA LYS A 6 20.44 -19.39 19.87
C LYS A 6 19.14 -19.01 19.17
N THR A 7 18.89 -17.71 19.07
CA THR A 7 17.64 -17.23 18.50
C THR A 7 17.87 -16.03 17.58
N PHE A 8 16.78 -15.50 17.03
CA PHE A 8 16.81 -14.21 16.35
C PHE A 8 16.00 -13.23 17.18
N PHE A 9 16.68 -12.54 18.10
CA PHE A 9 16.04 -11.65 19.06
C PHE A 9 15.01 -12.39 19.90
N GLY A 10 15.36 -13.59 20.36
CA GLY A 10 14.49 -14.36 21.22
C GLY A 10 13.48 -15.19 20.45
N GLN A 11 13.55 -15.16 19.13
CA GLN A 11 12.58 -15.82 18.27
C GLN A 11 13.22 -16.96 17.48
N PRO A 12 12.39 -17.91 16.97
CA PRO A 12 12.92 -18.99 16.14
C PRO A 12 13.77 -18.48 14.99
N LEU A 13 14.86 -19.19 14.68
CA LEU A 13 15.81 -18.78 13.65
C LEU A 13 15.16 -18.59 12.29
N GLY A 14 14.02 -19.24 12.07
CA GLY A 14 13.29 -19.11 10.82
C GLY A 14 12.76 -17.72 10.58
N LEU A 15 12.64 -16.94 11.65
CA LEU A 15 12.13 -15.58 11.56
C LEU A 15 13.08 -14.68 10.77
N SER A 16 14.38 -14.89 10.97
CA SER A 16 15.39 -14.11 10.26
C SER A 16 15.22 -14.24 8.76
N THR A 17 14.90 -15.45 8.30
CA THR A 17 14.68 -15.69 6.88
C THR A 17 13.49 -14.87 6.37
N LEU A 18 12.36 -14.97 7.06
CA LEU A 18 11.16 -14.25 6.66
C LEU A 18 11.33 -12.75 6.88
N PHE A 19 12.12 -12.40 7.90
CA PHE A 19 12.50 -11.02 8.17
C PHE A 19 13.18 -10.44 6.94
N MET A 20 14.23 -11.12 6.48
CA MET A 20 15.00 -10.66 5.33
C MET A 20 14.22 -10.76 4.03
N THR A 21 13.31 -11.73 3.97
CA THR A 21 12.49 -11.94 2.77
C THR A 21 11.60 -10.73 2.50
N GLU A 22 10.83 -10.32 3.51
CA GLU A 22 9.96 -9.16 3.37
C GLU A 22 10.76 -7.87 3.31
N MET A 23 11.92 -7.85 3.95
CA MET A 23 12.76 -6.66 3.96
C MET A 23 13.19 -6.27 2.56
N TRP A 24 13.51 -7.25 1.74
CA TRP A 24 13.98 -6.99 0.39
C TRP A 24 12.83 -6.84 -0.62
N GLU A 25 11.70 -7.45 -0.33
CA GLU A 25 10.51 -7.26 -1.16
C GLU A 25 10.00 -5.83 -1.03
N ARG A 26 9.94 -5.35 0.21
CA ARG A 26 9.51 -3.98 0.46
C ARG A 26 10.52 -3.00 -0.11
N PHE A 27 11.79 -3.42 -0.14
CA PHE A 27 12.85 -2.65 -0.77
C PHE A 27 12.58 -2.44 -2.24
N SER A 28 12.26 -3.53 -2.93
CA SER A 28 12.00 -3.49 -4.36
C SER A 28 10.73 -2.68 -4.68
N TYR A 29 9.73 -2.78 -3.82
CA TYR A 29 8.45 -2.13 -4.06
C TYR A 29 8.51 -0.62 -3.87
N TYR A 30 8.98 -0.19 -2.70
CA TYR A 30 8.98 1.24 -2.39
C TYR A 30 10.12 1.97 -3.09
N GLY A 31 11.16 1.24 -3.47
CA GLY A 31 12.23 1.82 -4.27
C GLY A 31 11.68 2.20 -5.64
N MET A 32 10.78 1.36 -6.14
CA MET A 32 10.11 1.59 -7.41
C MET A 32 9.09 2.72 -7.28
N ARG A 33 8.31 2.69 -6.20
CA ARG A 33 7.30 3.72 -5.94
C ARG A 33 7.91 5.11 -5.77
N ALA A 34 9.16 5.17 -5.34
CA ALA A 34 9.82 6.44 -5.07
C ALA A 34 10.16 7.21 -6.34
N ILE A 35 10.29 6.50 -7.46
CA ILE A 35 10.73 7.14 -8.70
C ILE A 35 9.80 6.88 -9.89
N LEU A 36 8.77 6.07 -9.70
CA LEU A 36 7.89 5.70 -10.80
C LEU A 36 7.10 6.90 -11.33
N LEU A 37 6.60 7.74 -10.43
CA LEU A 37 5.84 8.91 -10.84
C LEU A 37 6.74 9.89 -11.59
N TYR A 38 7.94 10.12 -11.06
CA TYR A 38 8.93 10.97 -11.72
C TYR A 38 9.32 10.38 -13.06
N TYR A 39 9.38 9.06 -13.13
CA TYR A 39 9.72 8.37 -14.37
C TYR A 39 8.67 8.60 -15.44
N MET A 40 7.40 8.63 -15.02
CA MET A 40 6.32 8.87 -15.95
C MET A 40 6.33 10.31 -16.43
N TRP A 41 6.65 11.23 -15.52
CA TRP A 41 6.85 12.63 -15.88
C TRP A 41 7.90 12.73 -16.96
N PHE A 42 8.99 11.99 -16.78
CA PHE A 42 10.09 11.98 -17.73
C PHE A 42 9.67 11.41 -19.08
N LEU A 43 8.89 10.34 -19.07
CA LEU A 43 8.38 9.75 -20.30
C LEU A 43 7.39 10.69 -21.00
N ILE A 44 6.74 11.54 -20.22
CA ILE A 44 5.80 12.52 -20.77
C ILE A 44 6.55 13.69 -21.41
N SER A 45 7.59 14.16 -20.73
CA SER A 45 8.37 15.31 -21.18
C SER A 45 9.16 15.02 -22.46
N THR A 46 9.34 13.75 -22.80
CA THR A 46 10.04 13.38 -24.02
C THR A 46 9.08 12.98 -25.12
N GLY A 47 7.78 13.04 -24.82
CA GLY A 47 6.75 12.72 -25.79
C GLY A 47 6.51 11.23 -25.94
N ASP A 48 7.24 10.42 -25.18
CA ASP A 48 7.11 8.97 -25.27
C ASP A 48 5.76 8.50 -24.72
N LEU A 49 5.37 9.08 -23.60
CA LEU A 49 4.10 8.75 -22.96
C LEU A 49 3.10 9.89 -23.17
N HIS A 50 1.96 9.56 -23.77
CA HIS A 50 0.99 10.59 -24.14
C HIS A 50 -0.14 10.73 -23.13
N ILE A 51 0.22 11.06 -21.89
CA ILE A 51 -0.78 11.35 -20.87
C ILE A 51 -0.43 12.63 -20.13
N THR A 52 -1.36 13.13 -19.33
CA THR A 52 -1.09 14.29 -18.49
C THR A 52 -0.46 13.85 -17.17
N ARG A 53 0.04 14.81 -16.41
CA ARG A 53 0.58 14.51 -15.09
C ARG A 53 -0.55 14.14 -14.14
N ALA A 54 -1.73 14.70 -14.40
CA ALA A 54 -2.92 14.37 -13.60
C ALA A 54 -3.29 12.91 -13.80
N THR A 55 -3.12 12.42 -15.02
CA THR A 55 -3.40 11.03 -15.33
C THR A 55 -2.31 10.14 -14.74
N ALA A 56 -1.06 10.58 -14.88
CA ALA A 56 0.08 9.87 -14.31
C ALA A 56 -0.07 9.70 -12.80
N ALA A 57 -0.51 10.76 -12.14
CA ALA A 57 -0.75 10.71 -10.69
C ALA A 57 -1.87 9.73 -10.38
N SER A 58 -2.89 9.71 -11.24
CA SER A 58 -4.03 8.82 -11.08
C SER A 58 -3.62 7.36 -11.26
N ILE A 59 -2.67 7.12 -12.15
CA ILE A 59 -2.13 5.79 -12.39
C ILE A 59 -1.46 5.25 -11.13
N MET A 60 -0.65 6.07 -10.49
CA MET A 60 0.04 5.70 -9.26
C MET A 60 -0.94 5.23 -8.18
N ALA A 61 -2.05 5.94 -8.07
CA ALA A 61 -3.05 5.65 -7.05
C ALA A 61 -3.81 4.37 -7.35
N ILE A 62 -4.17 4.17 -8.61
CA ILE A 62 -4.92 2.98 -8.99
C ILE A 62 -3.99 1.76 -9.04
N TYR A 63 -2.70 2.01 -9.24
CA TYR A 63 -1.68 0.96 -9.20
C TYR A 63 -1.63 0.37 -7.81
N ALA A 64 -1.53 1.24 -6.80
CA ALA A 64 -1.49 0.81 -5.42
C ALA A 64 -2.76 0.09 -5.02
N SER A 65 -3.90 0.59 -5.50
CA SER A 65 -5.21 0.02 -5.17
C SER A 65 -5.30 -1.44 -5.60
N MET A 66 -4.81 -1.74 -6.80
CA MET A 66 -4.90 -3.10 -7.32
C MET A 66 -3.95 -4.05 -6.61
N VAL A 67 -2.82 -3.52 -6.13
CA VAL A 67 -1.84 -4.31 -5.37
C VAL A 67 -2.44 -4.82 -4.06
N TYR A 68 -3.08 -3.92 -3.32
CA TYR A 68 -3.71 -4.29 -2.05
C TYR A 68 -4.89 -5.23 -2.29
N LEU A 69 -5.68 -4.95 -3.32
CA LEU A 69 -6.82 -5.79 -3.68
C LEU A 69 -6.36 -7.19 -4.03
N SER A 70 -5.20 -7.29 -4.66
CA SER A 70 -4.62 -8.59 -5.03
C SER A 70 -4.23 -9.37 -3.78
N GLY A 71 -3.91 -8.66 -2.71
CA GLY A 71 -3.52 -9.27 -1.46
C GLY A 71 -4.66 -10.00 -0.77
N THR A 72 -5.89 -9.62 -1.09
CA THR A 72 -7.07 -10.24 -0.49
C THR A 72 -7.30 -11.65 -1.03
N ILE A 73 -6.67 -11.95 -2.16
CA ILE A 73 -6.90 -13.21 -2.87
C ILE A 73 -5.77 -14.20 -2.68
N GLY A 74 -4.56 -13.67 -2.48
CA GLY A 74 -3.35 -14.50 -2.38
C GLY A 74 -3.40 -15.50 -1.25
N GLY A 75 -4.06 -15.14 -0.16
CA GLY A 75 -4.23 -16.05 0.96
C GLY A 75 -5.03 -17.27 0.57
N PHE A 76 -6.05 -17.06 -0.25
CA PHE A 76 -6.91 -18.14 -0.72
C PHE A 76 -6.16 -19.09 -1.64
N VAL A 77 -5.47 -18.53 -2.63
CA VAL A 77 -4.80 -19.33 -3.64
C VAL A 77 -3.74 -20.23 -3.00
N ALA A 78 -3.00 -19.69 -2.02
CA ALA A 78 -1.98 -20.48 -1.34
C ALA A 78 -2.58 -21.56 -0.43
N ASP A 79 -3.58 -21.19 0.37
CA ASP A 79 -4.17 -22.12 1.32
C ASP A 79 -4.93 -23.27 0.64
N ARG A 80 -5.43 -23.03 -0.56
CA ARG A 80 -6.32 -24.00 -1.20
C ARG A 80 -5.77 -24.64 -2.47
N ILE A 81 -4.77 -24.02 -3.10
CA ILE A 81 -4.32 -24.50 -4.40
C ILE A 81 -2.82 -24.80 -4.48
N ILE A 82 -1.97 -23.85 -4.12
CA ILE A 82 -0.54 -23.98 -4.40
C ILE A 82 0.38 -24.12 -3.18
N GLY A 83 -0.08 -23.71 -2.01
CA GLY A 83 0.74 -23.75 -0.81
C GLY A 83 1.37 -22.40 -0.54
N ALA A 84 1.61 -22.09 0.72
CA ALA A 84 2.12 -20.78 1.11
C ALA A 84 3.56 -20.55 0.66
N ARG A 85 4.39 -21.58 0.75
CA ARG A 85 5.79 -21.45 0.37
C ARG A 85 6.00 -21.31 -1.15
N PRO A 86 5.30 -22.11 -1.97
CA PRO A 86 5.42 -21.83 -3.40
C PRO A 86 4.81 -20.48 -3.79
N ALA A 87 3.81 -20.03 -3.03
CA ALA A 87 3.15 -18.75 -3.30
C ALA A 87 4.10 -17.59 -3.09
N VAL A 88 4.88 -17.68 -2.01
CA VAL A 88 5.85 -16.63 -1.69
C VAL A 88 6.97 -16.61 -2.72
N PHE A 89 7.45 -17.80 -3.09
CA PHE A 89 8.53 -17.91 -4.05
C PHE A 89 8.12 -17.39 -5.43
N TRP A 90 7.06 -17.96 -6.00
CA TRP A 90 6.64 -17.56 -7.34
C TRP A 90 6.06 -16.15 -7.37
N GLY A 91 5.59 -15.68 -6.21
CA GLY A 91 5.16 -14.30 -6.09
C GLY A 91 6.35 -13.38 -6.25
N GLY A 92 7.48 -13.78 -5.66
CA GLY A 92 8.70 -13.01 -5.73
C GLY A 92 9.29 -12.97 -7.12
N VAL A 93 9.21 -14.11 -7.83
CA VAL A 93 9.72 -14.20 -9.19
C VAL A 93 8.98 -13.22 -10.12
N LEU A 94 7.67 -13.18 -9.99
CA LEU A 94 6.85 -12.25 -10.76
C LEU A 94 7.20 -10.80 -10.44
N ILE A 95 7.40 -10.51 -9.14
CA ILE A 95 7.78 -9.17 -8.71
C ILE A 95 9.11 -8.78 -9.33
N MET A 96 10.07 -9.69 -9.32
CA MET A 96 11.38 -9.44 -9.89
C MET A 96 11.29 -9.16 -11.39
N LEU A 97 10.53 -9.98 -12.11
CA LEU A 97 10.34 -9.82 -13.54
C LEU A 97 9.72 -8.47 -13.89
N GLY A 98 8.79 -8.02 -13.05
CA GLY A 98 8.13 -6.74 -13.26
C GLY A 98 9.10 -5.58 -13.20
N HIS A 99 10.13 -5.71 -12.37
CA HIS A 99 11.14 -4.68 -12.27
C HIS A 99 12.17 -4.80 -13.39
N ILE A 100 12.43 -6.04 -13.81
CA ILE A 100 13.33 -6.29 -14.93
C ILE A 100 12.78 -5.66 -16.21
N VAL A 101 11.46 -5.73 -16.37
CA VAL A 101 10.78 -5.14 -17.51
C VAL A 101 11.04 -3.64 -17.61
N LEU A 102 11.09 -2.97 -16.47
CA LEU A 102 11.36 -1.53 -16.44
C LEU A 102 12.83 -1.22 -16.67
N ALA A 103 13.71 -2.17 -16.36
CA ALA A 103 15.14 -1.96 -16.53
C ALA A 103 15.56 -2.13 -17.99
N LEU A 104 14.68 -2.77 -18.77
CA LEU A 104 14.95 -3.02 -20.18
C LEU A 104 14.92 -1.73 -21.00
N PRO A 105 15.59 -1.73 -22.16
CA PRO A 105 15.60 -0.54 -23.03
C PRO A 105 14.25 -0.27 -23.70
N PHE A 106 13.20 -0.13 -22.89
CA PHE A 106 11.88 0.25 -23.42
C PHE A 106 11.40 1.52 -22.73
N GLY A 107 10.27 2.03 -23.19
CA GLY A 107 9.70 3.25 -22.62
C GLY A 107 8.33 3.01 -22.03
N ALA A 108 7.33 3.73 -22.52
CA ALA A 108 5.98 3.66 -21.98
C ALA A 108 5.33 2.30 -22.27
N SER A 109 5.82 1.63 -23.31
CA SER A 109 5.26 0.35 -23.74
C SER A 109 5.43 -0.75 -22.69
N ALA A 110 6.45 -0.60 -21.84
CA ALA A 110 6.76 -1.63 -20.85
C ALA A 110 5.99 -1.44 -19.55
N LEU A 111 5.30 -0.30 -19.43
CA LEU A 111 4.65 0.07 -18.18
C LEU A 111 3.53 -0.88 -17.75
N PHE A 112 2.64 -1.22 -18.68
CA PHE A 112 1.52 -2.09 -18.36
C PHE A 112 1.99 -3.50 -18.00
N GLY A 113 3.01 -3.98 -18.68
CA GLY A 113 3.56 -5.30 -18.43
C GLY A 113 4.21 -5.37 -17.06
N SER A 114 4.92 -4.31 -16.71
CA SER A 114 5.55 -4.20 -15.40
C SER A 114 4.51 -4.15 -14.28
N ILE A 115 3.44 -3.40 -14.50
CA ILE A 115 2.40 -3.22 -13.50
C ILE A 115 1.65 -4.52 -13.23
N ILE A 116 1.28 -5.22 -14.29
CA ILE A 116 0.56 -6.48 -14.16
C ILE A 116 1.36 -7.53 -13.37
N LEU A 117 2.64 -7.66 -13.70
CA LEU A 117 3.50 -8.64 -13.04
C LEU A 117 3.62 -8.39 -11.54
N ILE A 118 3.79 -7.13 -11.16
CA ILE A 118 3.98 -6.78 -9.76
C ILE A 118 2.68 -6.95 -8.97
N ILE A 119 1.56 -6.63 -9.60
CA ILE A 119 0.26 -6.78 -8.95
C ILE A 119 -0.03 -8.25 -8.60
N ILE A 120 0.15 -9.13 -9.58
CA ILE A 120 -0.05 -10.56 -9.36
C ILE A 120 0.98 -11.11 -8.37
N GLY A 121 2.22 -10.67 -8.52
CA GLY A 121 3.31 -11.12 -7.67
C GLY A 121 3.14 -10.75 -6.21
N THR A 122 2.82 -9.48 -5.96
CA THR A 122 2.62 -9.00 -4.60
C THR A 122 1.41 -9.68 -3.97
N GLY A 123 0.40 -9.95 -4.79
CA GLY A 123 -0.78 -10.66 -4.34
C GLY A 123 -0.47 -12.02 -3.78
N PHE A 124 0.44 -12.74 -4.43
CA PHE A 124 0.85 -14.07 -3.96
C PHE A 124 1.74 -14.01 -2.73
N LEU A 125 2.68 -13.05 -2.72
CA LEU A 125 3.73 -13.01 -1.71
C LEU A 125 3.29 -12.35 -0.40
N LYS A 126 2.75 -11.14 -0.49
CA LYS A 126 2.52 -10.31 0.70
C LYS A 126 1.66 -10.95 1.79
N PRO A 127 0.49 -11.51 1.45
CA PRO A 127 -0.29 -12.05 2.57
C PRO A 127 0.28 -13.35 3.13
N ASN A 128 1.06 -14.07 2.33
CA ASN A 128 1.50 -15.41 2.72
C ASN A 128 2.82 -15.42 3.49
N VAL A 129 3.63 -14.37 3.33
CA VAL A 129 4.83 -14.24 4.14
C VAL A 129 4.44 -14.04 5.61
N SER A 130 3.42 -13.20 5.83
CA SER A 130 2.87 -12.98 7.17
C SER A 130 2.31 -14.28 7.73
N THR A 131 1.73 -15.08 6.85
CA THR A 131 1.17 -16.37 7.22
C THR A 131 2.28 -17.30 7.70
N LEU A 132 3.39 -17.32 6.95
CA LEU A 132 4.51 -18.18 7.28
C LEU A 132 5.20 -17.75 8.57
N VAL A 133 4.96 -16.52 8.99
CA VAL A 133 5.51 -16.03 10.24
C VAL A 133 4.82 -16.69 11.43
N GLY A 134 3.50 -16.80 11.37
CA GLY A 134 2.74 -17.49 12.39
C GLY A 134 3.05 -18.98 12.43
N THR A 135 3.49 -19.51 11.29
CA THR A 135 3.90 -20.91 11.17
C THR A 135 5.02 -21.25 12.16
N LEU A 136 5.87 -20.27 12.42
CA LEU A 136 7.04 -20.47 13.27
C LEU A 136 6.67 -20.77 14.72
N TYR A 137 5.45 -20.42 15.10
CA TYR A 137 5.01 -20.58 16.49
C TYR A 137 3.92 -21.62 16.67
N ASP A 138 3.89 -22.25 17.84
CA ASP A 138 2.78 -23.11 18.24
C ASP A 138 1.55 -22.26 18.54
N GLU A 139 0.46 -22.93 18.92
CA GLU A 139 -0.75 -22.22 19.34
C GLU A 139 -0.49 -21.48 20.65
N HIS A 140 0.27 -22.13 21.52
CA HIS A 140 0.47 -21.67 22.89
C HIS A 140 1.49 -20.54 23.05
N ASP A 141 2.38 -20.40 22.07
CA ASP A 141 3.54 -19.51 22.20
C ASP A 141 3.16 -18.06 22.51
N ARG A 142 3.88 -17.47 23.45
CA ARG A 142 3.64 -16.11 23.89
C ARG A 142 4.53 -15.12 23.13
N ARG A 143 5.56 -15.65 22.46
CA ARG A 143 6.50 -14.82 21.71
C ARG A 143 5.89 -14.26 20.43
N ARG A 144 4.68 -14.70 20.10
CA ARG A 144 4.03 -14.37 18.83
C ARG A 144 3.97 -12.87 18.54
N ASP A 145 3.54 -12.09 19.52
CA ASP A 145 3.40 -10.64 19.33
C ASP A 145 4.76 -9.96 19.16
N ALA A 146 5.77 -10.49 19.83
CA ALA A 146 7.13 -9.95 19.73
C ALA A 146 7.73 -10.24 18.35
N GLY A 147 7.50 -11.45 17.85
CA GLY A 147 8.00 -11.86 16.56
C GLY A 147 7.38 -11.07 15.41
N PHE A 148 6.07 -10.86 15.49
CA PHE A 148 5.38 -10.07 14.47
C PHE A 148 5.84 -8.61 14.52
N SER A 149 6.15 -8.12 15.72
CA SER A 149 6.65 -6.76 15.89
C SER A 149 8.03 -6.63 15.26
N ILE A 150 8.85 -7.66 15.42
CA ILE A 150 10.16 -7.73 14.80
C ILE A 150 10.03 -7.85 13.29
N PHE A 151 9.10 -8.70 12.85
CA PHE A 151 8.80 -8.87 11.43
C PHE A 151 8.36 -7.55 10.80
N VAL A 152 7.54 -6.79 11.52
CA VAL A 152 7.09 -5.50 11.03
C VAL A 152 8.26 -4.54 10.89
N PHE A 153 9.23 -4.65 11.81
CA PHE A 153 10.40 -3.77 11.80
C PHE A 153 11.23 -3.97 10.52
N GLY A 154 11.37 -5.22 10.09
CA GLY A 154 12.06 -5.51 8.85
C GLY A 154 11.35 -4.95 7.63
N ILE A 155 10.02 -4.93 7.70
CA ILE A 155 9.21 -4.35 6.63
C ILE A 155 9.55 -2.86 6.49
N ASN A 156 9.60 -2.16 7.61
CA ASN A 156 9.87 -0.73 7.60
C ASN A 156 11.32 -0.41 7.22
N LEU A 157 12.25 -1.29 7.54
CA LEU A 157 13.65 -1.11 7.17
C LEU A 157 13.84 -1.03 5.67
N GLY A 158 13.26 -2.00 4.96
CA GLY A 158 13.35 -2.04 3.51
C GLY A 158 12.70 -0.83 2.87
N ALA A 159 11.59 -0.39 3.44
CA ALA A 159 10.86 0.77 2.93
C ALA A 159 11.62 2.06 3.18
N PHE A 160 12.58 2.00 4.11
CA PHE A 160 13.32 3.18 4.50
C PHE A 160 14.57 3.40 3.64
N ILE A 161 15.35 2.33 3.44
CA ILE A 161 16.61 2.45 2.72
C ILE A 161 16.42 2.47 1.21
N ALA A 162 15.28 1.99 0.73
CA ALA A 162 15.04 1.85 -0.70
C ALA A 162 14.98 3.20 -1.43
N PRO A 163 14.18 4.17 -0.94
CA PRO A 163 14.20 5.44 -1.68
C PRO A 163 15.57 6.13 -1.60
N LEU A 164 16.32 5.84 -0.55
CA LEU A 164 17.65 6.41 -0.40
C LEU A 164 18.60 5.86 -1.45
N ILE A 165 18.64 4.54 -1.56
CA ILE A 165 19.54 3.87 -2.49
C ILE A 165 19.07 4.00 -3.93
N VAL A 166 17.82 3.66 -4.19
CA VAL A 166 17.28 3.69 -5.54
C VAL A 166 17.19 5.13 -6.06
N GLY A 167 16.76 6.04 -5.21
CA GLY A 167 16.66 7.44 -5.58
C GLY A 167 18.00 8.06 -5.95
N ALA A 168 19.05 7.70 -5.22
CA ALA A 168 20.38 8.20 -5.51
C ALA A 168 20.91 7.57 -6.80
N ALA A 169 20.61 6.30 -7.00
CA ALA A 169 21.02 5.58 -8.19
C ALA A 169 20.41 6.20 -9.45
N GLN A 170 19.14 6.57 -9.37
CA GLN A 170 18.46 7.22 -10.49
C GLN A 170 19.13 8.54 -10.82
N GLU A 171 19.51 9.26 -9.78
CA GLU A 171 20.19 10.54 -9.93
C GLU A 171 21.54 10.36 -10.63
N ALA A 172 22.22 9.27 -10.33
CA ALA A 172 23.56 9.04 -10.87
C ALA A 172 23.54 8.35 -12.25
N ALA A 173 22.85 7.22 -12.35
CA ALA A 173 22.96 6.39 -13.55
C ALA A 173 21.66 6.28 -14.34
N GLY A 174 20.64 7.05 -13.96
CA GLY A 174 19.40 7.07 -14.70
C GLY A 174 18.35 6.11 -14.18
N TYR A 175 17.19 6.10 -14.84
CA TYR A 175 16.05 5.32 -14.40
C TYR A 175 16.23 3.81 -14.60
N HIS A 176 16.71 3.41 -15.76
CA HIS A 176 16.85 1.99 -16.08
C HIS A 176 17.76 1.27 -15.11
N VAL A 177 18.86 1.91 -14.74
CA VAL A 177 19.77 1.34 -13.75
C VAL A 177 19.09 1.27 -12.38
N ALA A 178 18.35 2.33 -12.02
CA ALA A 178 17.68 2.40 -10.73
C ALA A 178 16.63 1.29 -10.57
N PHE A 179 15.88 1.03 -11.63
CA PHE A 179 14.87 -0.01 -11.61
C PHE A 179 15.49 -1.40 -11.52
N SER A 180 16.69 -1.54 -12.07
CA SER A 180 17.40 -2.81 -12.01
C SER A 180 17.83 -3.12 -10.57
N LEU A 181 18.12 -2.07 -9.80
CA LEU A 181 18.45 -2.23 -8.40
C LEU A 181 17.27 -2.78 -7.61
N ALA A 182 16.07 -2.36 -8.00
CA ALA A 182 14.86 -2.88 -7.38
C ALA A 182 14.72 -4.37 -7.73
N ALA A 183 15.02 -4.71 -8.98
CA ALA A 183 14.97 -6.11 -9.41
C ALA A 183 16.02 -6.94 -8.67
N ILE A 184 17.21 -6.38 -8.51
CA ILE A 184 18.29 -7.06 -7.78
C ILE A 184 17.90 -7.26 -6.31
N GLY A 185 17.25 -6.25 -5.74
CA GLY A 185 16.79 -6.32 -4.36
C GLY A 185 15.84 -7.47 -4.11
N MET A 186 14.91 -7.67 -5.04
CA MET A 186 13.97 -8.78 -4.95
C MET A 186 14.69 -10.11 -5.16
N PHE A 187 15.71 -10.10 -6.00
CA PHE A 187 16.48 -11.32 -6.29
C PHE A 187 17.21 -11.79 -5.04
N ILE A 188 17.81 -10.85 -4.31
CA ILE A 188 18.49 -11.17 -3.07
C ILE A 188 17.52 -11.81 -2.08
N GLY A 189 16.31 -11.27 -1.99
CA GLY A 189 15.28 -11.82 -1.13
C GLY A 189 14.93 -13.25 -1.49
N LEU A 190 14.95 -13.56 -2.79
CA LEU A 190 14.65 -14.90 -3.27
C LEU A 190 15.73 -15.91 -2.89
N LEU A 191 16.99 -15.49 -2.99
CA LEU A 191 18.12 -16.33 -2.62
C LEU A 191 18.03 -16.70 -1.13
N VAL A 192 17.87 -15.69 -0.29
CA VAL A 192 17.79 -15.88 1.15
C VAL A 192 16.57 -16.72 1.52
N TYR A 193 15.46 -16.47 0.83
CA TYR A 193 14.22 -17.18 1.11
C TYR A 193 14.30 -18.65 0.69
N TYR A 194 14.81 -18.90 -0.51
CA TYR A 194 14.89 -20.25 -1.03
C TYR A 194 15.82 -21.14 -0.21
N PHE A 195 17.06 -20.68 -0.03
CA PHE A 195 18.06 -21.48 0.68
C PHE A 195 17.87 -21.43 2.18
N GLY A 196 17.33 -20.32 2.68
CA GLY A 196 17.08 -20.19 4.09
C GLY A 196 15.82 -20.92 4.51
N GLY A 197 14.86 -21.00 3.59
CA GLY A 197 13.59 -21.65 3.86
C GLY A 197 13.71 -23.16 3.98
N LYS A 198 14.56 -23.75 3.13
CA LYS A 198 14.75 -25.19 3.13
C LYS A 198 15.37 -25.68 4.45
N LYS A 199 15.97 -24.75 5.19
CA LYS A 199 16.63 -25.10 6.44
C LYS A 199 15.72 -24.96 7.65
N THR A 200 14.81 -23.99 7.61
CA THR A 200 14.04 -23.61 8.80
C THR A 200 12.52 -23.69 8.66
N LEU A 201 12.02 -23.72 7.43
CA LEU A 201 10.58 -23.74 7.21
C LEU A 201 10.02 -25.15 7.18
N ASP A 202 8.82 -25.30 7.72
CA ASP A 202 8.12 -26.58 7.76
C ASP A 202 7.73 -27.00 6.34
N PRO A 203 8.16 -28.20 5.92
CA PRO A 203 7.83 -28.75 4.59
C PRO A 203 6.33 -28.93 4.38
N HIS A 204 5.57 -28.88 5.47
CA HIS A 204 4.12 -29.00 5.41
C HIS A 204 3.49 -27.90 4.55
N TYR A 205 4.14 -26.74 4.49
CA TYR A 205 3.59 -25.60 3.77
C TYR A 205 4.14 -25.48 2.35
N LEU A 206 4.69 -26.58 1.85
CA LEU A 206 5.05 -26.68 0.44
C LEU A 206 3.82 -27.09 -0.36
N ARG A 207 2.77 -27.46 0.38
CA ARG A 207 1.50 -27.86 -0.21
C ARG A 207 0.36 -27.08 0.45
N PRO A 208 -0.78 -26.94 -0.24
CA PRO A 208 -1.93 -26.26 0.35
C PRO A 208 -2.45 -26.98 1.59
N THR A 209 -2.76 -26.22 2.64
CA THR A 209 -3.21 -26.80 3.91
C THR A 209 -4.68 -27.21 3.86
N ASP A 210 -5.45 -26.55 3.01
CA ASP A 210 -6.85 -26.89 2.82
C ASP A 210 -7.15 -27.08 1.33
N PRO A 211 -6.67 -28.19 0.75
CA PRO A 211 -6.77 -28.42 -0.69
C PRO A 211 -8.21 -28.65 -1.15
N LEU A 212 -8.51 -28.28 -2.39
CA LEU A 212 -9.86 -28.38 -2.94
C LEU A 212 -10.35 -29.83 -2.93
N ALA A 213 -11.53 -30.05 -2.38
CA ALA A 213 -12.19 -31.35 -2.46
C ALA A 213 -12.63 -31.55 -3.91
N PRO A 214 -12.75 -32.81 -4.35
CA PRO A 214 -13.15 -33.14 -5.73
C PRO A 214 -14.38 -32.39 -6.23
N GLU A 215 -15.36 -32.19 -5.36
CA GLU A 215 -16.60 -31.52 -5.76
C GLU A 215 -16.47 -30.00 -5.74
N GLU A 216 -15.38 -29.49 -5.18
CA GLU A 216 -15.22 -28.05 -5.05
C GLU A 216 -14.58 -27.41 -6.27
N VAL A 217 -14.01 -28.22 -7.13
CA VAL A 217 -13.26 -27.72 -8.27
C VAL A 217 -14.15 -27.01 -9.30
N LYS A 218 -15.25 -27.66 -9.67
CA LYS A 218 -16.14 -27.12 -10.69
C LYS A 218 -16.81 -25.80 -10.31
N PRO A 219 -17.42 -25.71 -9.11
CA PRO A 219 -18.11 -24.44 -8.82
C PRO A 219 -17.15 -23.25 -8.67
N LEU A 220 -15.94 -23.51 -8.19
CA LEU A 220 -14.92 -22.47 -8.11
C LEU A 220 -14.53 -22.01 -9.51
N LEU A 221 -14.43 -22.97 -10.42
CA LEU A 221 -14.12 -22.70 -11.82
C LEU A 221 -15.23 -21.90 -12.48
N VAL A 222 -16.47 -22.22 -12.13
CA VAL A 222 -17.63 -21.50 -12.67
C VAL A 222 -17.67 -20.08 -12.14
N LYS A 223 -17.37 -19.93 -10.85
CA LYS A 223 -17.42 -18.64 -10.18
C LYS A 223 -16.40 -17.65 -10.77
N VAL A 224 -15.17 -18.11 -10.94
CA VAL A 224 -14.11 -17.28 -11.51
C VAL A 224 -14.43 -16.91 -12.96
N SER A 225 -14.93 -17.87 -13.72
CA SER A 225 -15.26 -17.67 -15.13
C SER A 225 -16.31 -16.60 -15.35
N LEU A 226 -17.31 -16.58 -14.48
CA LEU A 226 -18.38 -15.60 -14.56
C LEU A 226 -17.86 -14.21 -14.27
N ALA A 227 -16.89 -14.12 -13.37
CA ALA A 227 -16.31 -12.84 -13.00
C ALA A 227 -15.51 -12.26 -14.15
N VAL A 228 -14.66 -13.09 -14.75
CA VAL A 228 -13.83 -12.65 -15.87
C VAL A 228 -14.68 -12.29 -17.08
N ALA A 229 -15.68 -13.12 -17.38
CA ALA A 229 -16.55 -12.90 -18.52
C ALA A 229 -17.33 -11.60 -18.39
N GLY A 230 -17.87 -11.36 -17.21
CA GLY A 230 -18.61 -10.13 -16.94
C GLY A 230 -17.71 -8.92 -17.03
N PHE A 231 -16.51 -9.03 -16.46
CA PHE A 231 -15.53 -7.95 -16.52
C PHE A 231 -15.13 -7.67 -17.96
N ILE A 232 -14.86 -8.74 -18.72
CA ILE A 232 -14.56 -8.61 -20.14
C ILE A 232 -15.74 -8.00 -20.89
N ALA A 233 -16.96 -8.40 -20.52
CA ALA A 233 -18.17 -7.89 -21.15
C ALA A 233 -18.31 -6.37 -20.96
N ILE A 234 -18.00 -5.90 -19.75
CA ILE A 234 -18.10 -4.47 -19.46
C ILE A 234 -17.14 -3.66 -20.32
N ILE A 235 -15.92 -4.16 -20.47
CA ILE A 235 -14.91 -3.51 -21.30
C ILE A 235 -15.36 -3.45 -22.75
N VAL A 236 -15.99 -4.51 -23.22
CA VAL A 236 -16.51 -4.57 -24.58
C VAL A 236 -17.54 -3.46 -24.81
N VAL A 237 -18.50 -3.33 -23.90
CA VAL A 237 -19.50 -2.29 -23.99
C VAL A 237 -18.88 -0.90 -23.94
N MET A 238 -17.93 -0.71 -23.04
CA MET A 238 -17.23 0.56 -22.89
C MET A 238 -16.64 1.06 -24.21
N ASN A 239 -15.89 0.20 -24.88
CA ASN A 239 -15.25 0.56 -26.14
C ASN A 239 -16.27 0.80 -27.26
N LEU A 240 -17.47 0.25 -27.09
CA LEU A 240 -18.54 0.43 -28.06
C LEU A 240 -19.14 1.83 -27.98
N VAL A 241 -19.38 2.30 -26.75
CA VAL A 241 -20.04 3.58 -26.54
C VAL A 241 -19.02 4.72 -26.50
N GLY A 242 -17.75 4.38 -26.65
CA GLY A 242 -16.70 5.39 -26.78
C GLY A 242 -16.00 5.77 -25.49
N TRP A 243 -16.24 5.01 -24.43
CA TRP A 243 -15.56 5.23 -23.16
C TRP A 243 -14.31 4.36 -23.09
N ASN A 244 -13.30 4.70 -23.88
CA ASN A 244 -12.12 3.85 -24.02
C ASN A 244 -10.79 4.58 -23.90
N SER A 245 -10.78 5.72 -23.21
CA SER A 245 -9.54 6.39 -22.90
C SER A 245 -9.01 5.83 -21.58
N LEU A 246 -7.74 6.10 -21.28
CA LEU A 246 -7.15 5.63 -20.03
C LEU A 246 -7.89 6.11 -18.78
N PRO A 247 -8.36 7.38 -18.75
CA PRO A 247 -9.17 7.76 -17.59
C PRO A 247 -10.45 6.94 -17.43
N ALA A 248 -10.99 6.42 -18.52
CA ALA A 248 -12.19 5.59 -18.46
C ALA A 248 -11.91 4.25 -17.78
N TYR A 249 -10.82 3.60 -18.17
CA TYR A 249 -10.46 2.32 -17.57
C TYR A 249 -10.14 2.46 -16.08
N ILE A 250 -9.50 3.58 -15.73
CA ILE A 250 -9.18 3.87 -14.34
C ILE A 250 -10.45 4.04 -13.52
N ASN A 251 -11.45 4.69 -14.10
CA ASN A 251 -12.74 4.85 -13.44
C ASN A 251 -13.44 3.51 -13.26
N LEU A 252 -13.28 2.63 -14.22
CA LEU A 252 -13.83 1.27 -14.13
C LEU A 252 -13.24 0.53 -12.93
N LEU A 253 -11.91 0.57 -12.81
CA LEU A 253 -11.25 -0.10 -11.69
C LEU A 253 -11.58 0.57 -10.37
N THR A 254 -11.78 1.89 -10.41
CA THR A 254 -12.21 2.63 -9.23
C THR A 254 -13.57 2.12 -8.77
N ILE A 255 -14.48 1.97 -9.71
CA ILE A 255 -15.82 1.45 -9.44
C ILE A 255 -15.74 0.04 -8.87
N VAL A 256 -14.95 -0.81 -9.50
CA VAL A 256 -14.79 -2.19 -9.06
C VAL A 256 -14.24 -2.27 -7.64
N ALA A 257 -13.22 -1.46 -7.35
CA ALA A 257 -12.57 -1.46 -6.05
C ALA A 257 -13.52 -1.02 -4.93
N ILE A 258 -14.41 -0.09 -5.24
CA ILE A 258 -15.35 0.43 -4.25
C ILE A 258 -16.57 -0.47 -4.12
N ALA A 259 -16.93 -1.14 -5.22
CA ALA A 259 -18.12 -1.99 -5.24
C ALA A 259 -17.97 -3.22 -4.35
N ILE A 260 -16.75 -3.75 -4.27
CA ILE A 260 -16.49 -4.99 -3.53
C ILE A 260 -16.86 -4.89 -2.04
N PRO A 261 -16.44 -3.82 -1.33
CA PRO A 261 -16.90 -3.74 0.05
C PRO A 261 -18.37 -3.31 0.15
N VAL A 262 -18.82 -2.52 -0.82
CA VAL A 262 -20.20 -2.04 -0.86
C VAL A 262 -21.17 -3.20 -0.96
N PHE A 263 -20.82 -4.19 -1.79
CA PHE A 263 -21.67 -5.36 -1.97
C PHE A 263 -21.64 -6.27 -0.75
N TYR A 264 -20.46 -6.52 -0.20
CA TYR A 264 -20.31 -7.40 0.96
C TYR A 264 -21.05 -6.88 2.18
N PHE A 265 -21.10 -5.55 2.31
CA PHE A 265 -21.86 -4.93 3.37
C PHE A 265 -23.36 -5.10 3.14
N ALA A 266 -23.82 -4.71 1.95
CA ALA A 266 -25.24 -4.83 1.60
C ALA A 266 -25.68 -6.30 1.62
N TRP A 267 -24.72 -7.19 1.39
CA TRP A 267 -24.95 -8.64 1.46
C TRP A 267 -25.24 -9.06 2.90
N MET A 268 -24.29 -8.78 3.79
CA MET A 268 -24.38 -9.19 5.19
C MET A 268 -25.48 -8.45 5.96
N ILE A 269 -25.70 -7.19 5.61
CA ILE A 269 -26.75 -6.38 6.26
C ILE A 269 -28.12 -7.01 5.99
N SER A 270 -28.34 -7.45 4.76
CA SER A 270 -29.60 -8.10 4.39
C SER A 270 -29.49 -9.62 4.53
N HIS A 279 -26.75 -8.38 16.96
CA HIS A 279 -27.62 -8.44 15.79
C HIS A 279 -26.98 -7.73 14.60
N LEU A 280 -27.38 -6.48 14.38
CA LEU A 280 -26.83 -5.69 13.28
C LEU A 280 -25.70 -4.79 13.75
N ARG A 281 -24.65 -5.39 14.29
CA ARG A 281 -23.48 -4.64 14.75
C ARG A 281 -22.58 -4.30 13.57
N VAL A 282 -22.80 -5.01 12.47
CA VAL A 282 -22.10 -4.75 11.22
C VAL A 282 -22.32 -3.30 10.78
N VAL A 283 -23.53 -2.79 11.02
CA VAL A 283 -23.85 -1.39 10.76
C VAL A 283 -22.90 -0.46 11.50
N SER A 284 -22.50 -0.88 12.70
CA SER A 284 -21.65 -0.07 13.55
C SER A 284 -20.19 -0.06 13.09
N TYR A 285 -19.85 -0.98 12.21
CA TYR A 285 -18.50 -1.06 11.66
CA TYR A 285 -18.49 -1.05 11.66
C TYR A 285 -18.34 -0.15 10.45
N ILE A 286 -19.47 0.19 9.82
CA ILE A 286 -19.46 1.07 8.65
C ILE A 286 -18.71 2.39 8.90
N PRO A 287 -19.00 3.09 10.02
CA PRO A 287 -18.23 4.33 10.20
C PRO A 287 -16.73 4.07 10.36
N LEU A 288 -16.39 2.94 10.97
CA LEU A 288 -14.99 2.59 11.18
C LEU A 288 -14.30 2.30 9.86
N PHE A 289 -15.01 1.61 8.97
CA PHE A 289 -14.48 1.29 7.65
C PHE A 289 -14.34 2.55 6.81
N ILE A 290 -15.33 3.44 6.89
CA ILE A 290 -15.24 4.73 6.21
C ILE A 290 -14.06 5.52 6.73
N ALA A 291 -13.84 5.47 8.04
CA ALA A 291 -12.73 6.19 8.67
C ALA A 291 -11.39 5.62 8.21
N ALA A 292 -11.35 4.30 8.06
CA ALA A 292 -10.15 3.61 7.61
C ALA A 292 -9.83 3.95 6.16
N VAL A 293 -10.84 3.90 5.30
CA VAL A 293 -10.69 4.26 3.90
C VAL A 293 -10.18 5.69 3.73
N LEU A 294 -10.74 6.62 4.48
CA LEU A 294 -10.38 8.02 4.36
C LEU A 294 -8.97 8.28 4.85
N PHE A 295 -8.54 7.56 5.89
CA PHE A 295 -7.19 7.73 6.38
C PHE A 295 -6.17 7.22 5.36
N TRP A 296 -6.40 6.02 4.83
CA TRP A 296 -5.51 5.44 3.84
C TRP A 296 -5.43 6.28 2.58
N ALA A 297 -6.51 6.98 2.28
CA ALA A 297 -6.54 7.87 1.13
C ALA A 297 -5.49 8.96 1.31
N ILE A 298 -5.47 9.57 2.49
CA ILE A 298 -4.52 10.64 2.79
C ILE A 298 -3.09 10.11 2.88
N GLU A 299 -2.93 8.97 3.54
CA GLU A 299 -1.61 8.40 3.74
C GLU A 299 -0.96 7.99 2.43
N GLU A 300 -1.76 7.44 1.52
CA GLU A 300 -1.23 6.94 0.26
CA GLU A 300 -1.25 6.95 0.23
C GLU A 300 -1.00 8.05 -0.77
N GLN A 301 -1.39 9.27 -0.43
CA GLN A 301 -1.14 10.42 -1.31
C GLN A 301 0.28 10.96 -1.11
N GLY A 302 0.98 10.42 -0.11
CA GLY A 302 2.35 10.82 0.15
C GLY A 302 3.28 10.49 -1.00
N SER A 303 2.99 9.40 -1.69
CA SER A 303 3.81 8.96 -2.81
C SER A 303 3.31 9.55 -4.13
N VAL A 304 2.24 10.33 -4.06
CA VAL A 304 1.64 10.92 -5.25
C VAL A 304 1.61 12.44 -5.15
N VAL A 305 0.74 12.95 -4.29
CA VAL A 305 0.59 14.40 -4.12
C VAL A 305 1.79 15.04 -3.43
N LEU A 306 2.23 14.44 -2.32
CA LEU A 306 3.38 14.97 -1.60
C LEU A 306 4.67 14.78 -2.40
N ALA A 307 4.73 13.70 -3.18
CA ALA A 307 5.86 13.46 -4.07
C ALA A 307 5.90 14.54 -5.15
N THR A 308 4.73 15.04 -5.52
CA THR A 308 4.64 16.09 -6.52
C THR A 308 5.04 17.43 -5.90
N PHE A 309 4.55 17.68 -4.69
CA PHE A 309 4.86 18.91 -3.98
C PHE A 309 6.36 19.02 -3.70
N ALA A 310 6.96 17.89 -3.34
CA ALA A 310 8.40 17.83 -3.06
C ALA A 310 9.23 18.23 -4.28
N ALA A 311 8.78 17.81 -5.45
CA ALA A 311 9.55 17.97 -6.68
C ALA A 311 9.32 19.33 -7.34
N GLU A 312 8.28 20.04 -6.90
CA GLU A 312 7.89 21.29 -7.53
CA GLU A 312 7.91 21.30 -7.52
C GLU A 312 7.98 22.49 -6.59
N ARG A 313 7.83 22.25 -5.29
CA ARG A 313 7.75 23.35 -4.34
C ARG A 313 8.79 23.35 -3.22
N VAL A 314 9.79 22.49 -3.31
CA VAL A 314 10.75 22.37 -2.21
C VAL A 314 12.19 22.64 -2.65
N ASP A 315 12.94 23.38 -1.82
CA ASP A 315 14.37 23.57 -2.00
C ASP A 315 15.12 22.27 -1.73
N SER A 316 15.08 21.36 -2.70
CA SER A 316 15.74 20.06 -2.56
C SER A 316 16.82 19.92 -3.62
N SER A 317 17.56 21.01 -3.83
CA SER A 317 18.55 21.05 -4.90
C SER A 317 19.81 20.29 -4.54
N TRP A 318 19.97 19.94 -3.26
CA TRP A 318 21.18 19.29 -2.79
C TRP A 318 20.97 17.83 -2.38
N PHE A 319 19.85 17.25 -2.76
CA PHE A 319 19.59 15.83 -2.50
C PHE A 319 18.45 15.32 -3.37
N PRO A 320 18.46 14.01 -3.69
CA PRO A 320 17.37 13.39 -4.46
C PRO A 320 16.02 13.60 -3.79
N VAL A 321 15.06 14.11 -4.54
CA VAL A 321 13.77 14.49 -3.98
C VAL A 321 12.89 13.27 -3.68
N SER A 322 13.30 12.12 -4.20
CA SER A 322 12.59 10.87 -3.93
C SER A 322 12.87 10.39 -2.51
N TRP A 323 13.88 10.96 -1.87
CA TRP A 323 14.25 10.59 -0.52
C TRP A 323 13.17 10.92 0.51
N PHE A 324 12.25 11.80 0.14
CA PHE A 324 11.15 12.20 1.01
C PHE A 324 10.25 11.01 1.35
N GLN A 325 10.31 9.97 0.53
CA GLN A 325 9.49 8.78 0.73
C GLN A 325 10.00 7.92 1.88
N SER A 326 11.19 8.24 2.36
CA SER A 326 11.80 7.51 3.46
C SER A 326 11.26 7.97 4.81
N LEU A 327 10.58 9.12 4.82
CA LEU A 327 10.07 9.69 6.06
C LEU A 327 8.94 8.85 6.65
N ASN A 328 8.15 8.23 5.78
CA ASN A 328 7.02 7.41 6.22
C ASN A 328 7.47 6.21 7.08
N PRO A 329 8.38 5.37 6.57
CA PRO A 329 8.77 4.26 7.44
C PRO A 329 9.73 4.68 8.55
N LEU A 330 10.39 5.83 8.39
CA LEU A 330 11.28 6.36 9.42
C LEU A 330 10.49 6.73 10.67
N PHE A 331 9.43 7.50 10.50
CA PHE A 331 8.60 7.93 11.63
C PHE A 331 7.86 6.74 12.25
N ILE A 332 7.53 5.75 11.43
CA ILE A 332 6.90 4.53 11.94
C ILE A 332 7.84 3.84 12.91
N MET A 333 9.11 3.69 12.52
CA MET A 333 10.10 3.04 13.37
C MET A 333 10.39 3.86 14.62
N LEU A 334 10.31 5.17 14.51
CA LEU A 334 10.60 6.06 15.63
C LEU A 334 9.44 6.08 16.63
N TYR A 335 8.22 6.08 16.11
CA TYR A 335 7.01 6.12 16.93
C TYR A 335 6.73 4.78 17.61
N THR A 336 7.12 3.69 16.96
CA THR A 336 6.74 2.35 17.40
C THR A 336 7.13 2.00 18.85
N PRO A 337 8.38 2.25 19.25
CA PRO A 337 8.71 1.87 20.64
C PRO A 337 7.95 2.72 21.67
N PHE A 338 7.63 3.95 21.30
CA PHE A 338 6.89 4.85 22.16
C PHE A 338 5.48 4.32 22.41
N PHE A 339 4.75 4.03 21.34
CA PHE A 339 3.39 3.52 21.46
C PHE A 339 3.36 2.13 22.06
N ALA A 340 4.42 1.36 21.86
CA ALA A 340 4.55 0.05 22.48
C ALA A 340 4.54 0.20 24.00
N TRP A 341 5.22 1.23 24.47
CA TRP A 341 5.24 1.55 25.90
C TRP A 341 3.90 2.11 26.34
N LEU A 342 3.32 2.99 25.53
CA LEU A 342 2.10 3.71 25.89
C LEU A 342 0.91 2.77 26.10
N TRP A 343 0.75 1.78 25.23
CA TRP A 343 -0.39 0.88 25.33
C TRP A 343 -0.25 -0.12 26.48
N THR A 344 0.91 -0.12 27.13
CA THR A 344 1.13 -0.95 28.29
C THR A 344 0.95 -0.11 29.56
N ALA A 345 1.13 1.20 29.42
CA ALA A 345 0.97 2.13 30.53
C ALA A 345 -0.42 2.78 30.52
N ASN A 349 -7.36 5.10 32.01
CA ASN A 349 -7.99 4.17 31.08
C ASN A 349 -7.50 4.33 29.65
N GLN A 350 -7.14 3.21 29.02
CA GLN A 350 -6.76 3.23 27.61
C GLN A 350 -7.98 3.49 26.75
N PRO A 351 -7.87 4.45 25.80
CA PRO A 351 -8.98 4.86 24.94
C PRO A 351 -9.57 3.70 24.13
N SER A 352 -10.84 3.83 23.75
CA SER A 352 -11.53 2.78 23.01
C SER A 352 -11.05 2.74 21.55
N SER A 353 -11.56 1.77 20.79
CA SER A 353 -11.12 1.58 19.41
C SER A 353 -11.78 2.56 18.42
N PRO A 354 -13.08 2.89 18.59
CA PRO A 354 -13.60 3.89 17.65
C PRO A 354 -13.01 5.27 17.89
N THR A 355 -12.50 5.49 19.10
CA THR A 355 -11.87 6.75 19.47
C THR A 355 -10.54 6.88 18.75
N LYS A 356 -9.77 5.80 18.72
CA LYS A 356 -8.49 5.77 18.04
C LYS A 356 -8.63 6.11 16.56
N PHE A 357 -9.66 5.56 15.92
CA PHE A 357 -9.95 5.85 14.52
C PHE A 357 -10.29 7.32 14.32
N ALA A 358 -11.08 7.87 15.24
CA ALA A 358 -11.50 9.26 15.15
C ALA A 358 -10.31 10.20 15.30
N VAL A 359 -9.48 9.94 16.30
CA VAL A 359 -8.30 10.77 16.55
C VAL A 359 -7.27 10.59 15.43
N GLY A 360 -7.12 9.35 14.97
CA GLY A 360 -6.20 9.07 13.88
C GLY A 360 -6.57 9.78 12.59
N LEU A 361 -7.87 9.91 12.34
CA LEU A 361 -8.35 10.60 11.16
C LEU A 361 -8.13 12.10 11.28
N MET A 362 -8.11 12.59 12.52
CA MET A 362 -7.85 14.00 12.80
C MET A 362 -6.40 14.37 12.47
N PHE A 363 -5.47 13.55 12.93
CA PHE A 363 -4.05 13.76 12.67
C PHE A 363 -3.75 13.74 11.18
N ALA A 364 -4.46 12.90 10.44
CA ALA A 364 -4.34 12.86 8.99
C ALA A 364 -4.81 14.17 8.38
N GLY A 365 -5.89 14.72 8.95
CA GLY A 365 -6.44 15.98 8.49
C GLY A 365 -5.51 17.15 8.77
N LEU A 366 -4.87 17.12 9.94
CA LEU A 366 -3.92 18.15 10.34
C LEU A 366 -2.69 18.15 9.43
N SER A 367 -2.34 16.98 8.93
CA SER A 367 -1.18 16.84 8.06
C SER A 367 -1.42 17.56 6.73
N PHE A 368 -2.65 17.51 6.24
CA PHE A 368 -3.01 18.23 5.03
C PHE A 368 -3.29 19.71 5.31
N LEU A 369 -3.83 20.01 6.48
CA LEU A 369 -4.07 21.40 6.88
C LEU A 369 -2.76 22.17 7.00
N LEU A 370 -1.76 21.49 7.56
CA LEU A 370 -0.43 22.06 7.72
C LEU A 370 0.18 22.44 6.38
N MET A 371 -0.03 21.59 5.37
CA MET A 371 0.53 21.81 4.05
C MET A 371 -0.12 22.97 3.30
N ALA A 372 -1.26 23.43 3.79
CA ALA A 372 -1.97 24.55 3.16
C ALA A 372 -1.34 25.87 3.59
N ILE A 373 -0.62 25.85 4.70
CA ILE A 373 -0.04 27.06 5.27
C ILE A 373 1.07 27.71 4.40
N PRO A 374 2.07 26.95 3.93
CA PRO A 374 3.13 27.64 3.19
C PRO A 374 2.64 28.30 1.90
N GLY A 375 1.64 27.71 1.27
CA GLY A 375 1.07 28.28 0.07
C GLY A 375 0.27 29.54 0.39
N ALA A 376 -0.41 29.52 1.54
CA ALA A 376 -1.23 30.64 1.97
C ALA A 376 -0.38 31.80 2.48
N LEU A 377 0.81 31.49 2.97
CA LEU A 377 1.66 32.51 3.57
C LEU A 377 2.65 33.09 2.58
N TYR A 378 3.27 32.24 1.77
CA TYR A 378 4.33 32.66 0.88
C TYR A 378 3.89 32.73 -0.59
N GLY A 379 2.79 32.07 -0.91
CA GLY A 379 2.38 31.94 -2.30
C GLY A 379 2.81 30.59 -2.82
N THR A 380 2.48 30.29 -4.07
CA THR A 380 2.74 28.96 -4.63
C THR A 380 3.65 29.01 -5.86
N SER A 381 4.37 30.11 -6.04
CA SER A 381 5.26 30.25 -7.19
C SER A 381 6.73 30.14 -6.80
N GLY A 382 6.98 29.98 -5.50
CA GLY A 382 8.33 29.85 -4.99
C GLY A 382 8.61 28.45 -4.47
N LYS A 383 9.67 28.34 -3.67
CA LYS A 383 10.05 27.07 -3.07
C LYS A 383 10.09 27.20 -1.55
N VAL A 384 9.62 26.18 -0.84
CA VAL A 384 9.59 26.22 0.61
C VAL A 384 10.57 25.24 1.23
N SER A 385 10.72 25.32 2.55
CA SER A 385 11.61 24.44 3.29
C SER A 385 11.15 23.00 3.24
N PRO A 386 12.10 22.06 3.21
CA PRO A 386 11.79 20.63 3.27
C PRO A 386 11.12 20.23 4.59
N LEU A 387 11.25 21.08 5.60
CA LEU A 387 10.70 20.81 6.93
C LEU A 387 9.17 20.78 6.95
N TRP A 388 8.55 21.42 5.97
CA TRP A 388 7.08 21.41 5.88
C TRP A 388 6.57 20.01 5.64
N LEU A 389 7.22 19.29 4.72
CA LEU A 389 6.86 17.90 4.44
C LEU A 389 7.23 16.98 5.59
N VAL A 390 8.30 17.33 6.31
CA VAL A 390 8.72 16.55 7.47
C VAL A 390 7.65 16.59 8.56
N GLY A 391 7.11 17.77 8.81
CA GLY A 391 6.05 17.95 9.78
C GLY A 391 4.76 17.29 9.36
N SER A 392 4.53 17.24 8.05
CA SER A 392 3.32 16.63 7.52
C SER A 392 3.32 15.12 7.69
N TRP A 393 4.44 14.49 7.39
CA TRP A 393 4.56 13.05 7.55
C TRP A 393 4.52 12.64 9.02
N ALA A 394 5.09 13.48 9.87
CA ALA A 394 5.08 13.22 11.30
C ALA A 394 3.66 13.19 11.86
N LEU A 395 2.78 14.01 11.28
CA LEU A 395 1.40 14.09 11.72
C LEU A 395 0.57 12.88 11.27
N VAL A 396 0.77 12.46 10.02
CA VAL A 396 -0.06 11.41 9.46
C VAL A 396 0.39 10.02 9.92
N ILE A 397 1.65 9.88 10.27
CA ILE A 397 2.15 8.62 10.80
C ILE A 397 1.74 8.50 12.26
N LEU A 398 1.68 9.64 12.94
CA LEU A 398 1.14 9.72 14.28
C LEU A 398 -0.30 9.22 14.28
N GLY A 399 -1.04 9.58 13.23
CA GLY A 399 -2.39 9.11 13.02
C GLY A 399 -2.44 7.64 12.64
N GLU A 400 -1.38 7.16 12.00
CA GLU A 400 -1.32 5.77 11.59
C GLU A 400 -1.19 4.88 12.81
N MET A 401 -0.29 5.25 13.71
CA MET A 401 -0.05 4.51 14.95
C MET A 401 -1.30 4.21 15.76
N LEU A 402 -2.32 5.05 15.60
CA LEU A 402 -3.57 4.91 16.35
C LEU A 402 -4.55 3.98 15.64
N ILE A 403 -4.61 4.08 14.31
CA ILE A 403 -5.58 3.34 13.53
C ILE A 403 -5.12 1.92 13.15
N SER A 404 -3.90 1.79 12.64
CA SER A 404 -3.46 0.54 11.99
C SER A 404 -2.81 -0.50 12.93
N PRO A 405 -1.78 -0.12 13.71
CA PRO A 405 -1.15 -1.14 14.55
C PRO A 405 -1.60 -1.06 16.02
N ASN A 420 -3.37 -9.35 10.48
CA ASN A 420 -2.61 -10.51 10.93
C ASN A 420 -3.35 -11.81 10.69
N SER A 421 -4.67 -11.77 10.88
CA SER A 421 -5.51 -12.96 10.78
C SER A 421 -6.56 -12.86 9.67
N GLN A 422 -7.82 -12.63 10.05
CA GLN A 422 -8.89 -12.49 9.08
C GLN A 422 -9.18 -11.02 8.82
N MET A 423 -8.77 -10.17 9.75
CA MET A 423 -8.90 -8.73 9.61
C MET A 423 -7.91 -8.21 8.56
N MET A 424 -6.97 -9.07 8.17
CA MET A 424 -6.00 -8.76 7.14
C MET A 424 -6.72 -8.39 5.85
N SER A 425 -7.83 -9.07 5.57
CA SER A 425 -8.65 -8.77 4.40
C SER A 425 -9.20 -7.36 4.44
N MET A 426 -9.72 -6.95 5.59
CA MET A 426 -10.33 -5.63 5.74
C MET A 426 -9.29 -4.52 5.63
N TRP A 427 -8.09 -4.77 6.14
CA TRP A 427 -7.03 -3.78 6.05
C TRP A 427 -6.51 -3.71 4.61
N PHE A 428 -6.49 -4.84 3.93
CA PHE A 428 -6.18 -4.86 2.50
C PHE A 428 -7.27 -4.14 1.72
N LEU A 429 -8.53 -4.39 2.10
CA LEU A 429 -9.68 -3.74 1.46
C LEU A 429 -9.71 -2.24 1.69
N SER A 430 -9.57 -1.82 2.95
CA SER A 430 -9.64 -0.42 3.31
C SER A 430 -8.55 0.40 2.63
N SER A 431 -7.36 -0.18 2.52
CA SER A 431 -6.25 0.50 1.85
C SER A 431 -6.46 0.52 0.34
N SER A 432 -7.17 -0.48 -0.17
CA SER A 432 -7.45 -0.57 -1.59
C SER A 432 -8.51 0.45 -2.02
N VAL A 433 -9.53 0.61 -1.19
CA VAL A 433 -10.60 1.55 -1.50
C VAL A 433 -10.09 2.99 -1.43
N GLY A 434 -9.24 3.26 -0.44
CA GLY A 434 -8.65 4.56 -0.28
C GLY A 434 -7.85 5.01 -1.48
N SER A 435 -7.01 4.12 -2.00
CA SER A 435 -6.23 4.41 -3.19
C SER A 435 -7.12 4.58 -4.43
N ALA A 436 -8.24 3.88 -4.44
CA ALA A 436 -9.20 3.99 -5.53
C ALA A 436 -9.83 5.38 -5.50
N LEU A 437 -10.16 5.83 -4.29
CA LEU A 437 -10.66 7.19 -4.08
C LEU A 437 -9.59 8.19 -4.48
N ASN A 438 -8.34 7.89 -4.15
CA ASN A 438 -7.21 8.75 -4.53
C ASN A 438 -7.07 8.86 -6.04
N ALA A 439 -7.37 7.78 -6.76
CA ALA A 439 -7.25 7.78 -8.22
C ALA A 439 -8.11 8.87 -8.85
N GLN A 440 -9.18 9.25 -8.14
CA GLN A 440 -10.05 10.32 -8.57
C GLN A 440 -9.58 11.66 -8.05
N LEU A 441 -9.24 11.70 -6.76
CA LEU A 441 -8.91 12.94 -6.07
C LEU A 441 -7.61 13.59 -6.54
N VAL A 442 -6.57 12.80 -6.77
CA VAL A 442 -5.25 13.36 -7.06
C VAL A 442 -5.19 14.11 -8.40
N THR A 443 -6.20 13.88 -9.24
CA THR A 443 -6.27 14.57 -10.52
C THR A 443 -6.65 16.05 -10.32
N LEU A 444 -7.20 16.35 -9.14
CA LEU A 444 -7.59 17.72 -8.81
C LEU A 444 -6.41 18.57 -8.34
N TYR A 445 -5.32 17.92 -7.92
CA TYR A 445 -4.19 18.65 -7.38
C TYR A 445 -3.30 19.25 -8.47
N ASN A 446 -2.98 20.52 -8.31
CA ASN A 446 -2.00 21.22 -9.15
C ASN A 446 -1.53 22.49 -8.45
N ALA A 447 -0.68 23.26 -9.12
CA ALA A 447 -0.12 24.47 -8.51
C ALA A 447 -1.20 25.51 -8.22
N LYS A 448 -2.22 25.54 -9.07
CA LYS A 448 -3.33 26.49 -8.90
C LYS A 448 -4.27 26.09 -7.76
N SER A 449 -4.47 24.80 -7.56
CA SER A 449 -5.45 24.34 -6.58
C SER A 449 -4.82 23.80 -5.30
N GLU A 450 -3.53 24.08 -5.10
CA GLU A 450 -2.78 23.55 -3.96
C GLU A 450 -3.41 23.86 -2.60
N VAL A 451 -3.61 25.14 -2.31
CA VAL A 451 -4.11 25.58 -1.01
C VAL A 451 -5.53 25.07 -0.76
N ALA A 452 -6.37 25.14 -1.78
CA ALA A 452 -7.75 24.67 -1.68
C ALA A 452 -7.80 23.15 -1.47
N TYR A 453 -6.94 22.43 -2.19
CA TYR A 453 -6.87 20.97 -2.08
C TYR A 453 -6.53 20.55 -0.66
N PHE A 454 -5.49 21.16 -0.10
CA PHE A 454 -4.99 20.83 1.22
C PHE A 454 -5.93 21.29 2.34
N SER A 455 -6.61 22.41 2.12
CA SER A 455 -7.51 22.97 3.13
C SER A 455 -8.79 22.16 3.27
N TYR A 456 -9.47 21.94 2.16
CA TYR A 456 -10.78 21.29 2.16
C TYR A 456 -10.72 19.84 2.62
N PHE A 457 -9.92 19.03 1.94
CA PHE A 457 -9.75 17.64 2.31
C PHE A 457 -9.11 17.52 3.70
N GLY A 458 -8.27 18.49 4.03
CA GLY A 458 -7.64 18.53 5.34
C GLY A 458 -8.68 18.78 6.42
N LEU A 459 -9.49 19.82 6.23
CA LEU A 459 -10.55 20.15 7.16
C LEU A 459 -11.65 19.09 7.15
N GLY A 460 -11.92 18.54 5.96
CA GLY A 460 -12.95 17.53 5.80
C GLY A 460 -12.72 16.28 6.62
N SER A 461 -11.46 15.86 6.71
CA SER A 461 -11.12 14.66 7.48
C SER A 461 -11.19 14.92 8.98
N VAL A 462 -10.91 16.15 9.38
CA VAL A 462 -10.95 16.53 10.79
C VAL A 462 -12.39 16.54 11.29
N VAL A 463 -13.29 17.10 10.49
CA VAL A 463 -14.69 17.17 10.87
C VAL A 463 -15.29 15.77 11.02
N LEU A 464 -14.95 14.87 10.11
CA LEU A 464 -15.44 13.49 10.17
C LEU A 464 -14.82 12.76 11.35
N GLY A 465 -13.66 13.22 11.78
CA GLY A 465 -13.04 12.69 12.99
C GLY A 465 -13.82 13.16 14.20
N ILE A 466 -14.33 14.39 14.12
CA ILE A 466 -15.16 14.95 15.17
C ILE A 466 -16.50 14.22 15.23
N VAL A 467 -17.08 13.96 14.07
CA VAL A 467 -18.34 13.21 13.96
C VAL A 467 -18.21 11.82 14.59
N LEU A 468 -17.07 11.17 14.33
CA LEU A 468 -16.83 9.83 14.83
C LEU A 468 -16.67 9.82 16.35
N VAL A 469 -16.24 10.95 16.90
CA VAL A 469 -16.17 11.09 18.35
C VAL A 469 -17.58 11.11 18.92
N PHE A 470 -18.48 11.80 18.24
CA PHE A 470 -19.89 11.85 18.64
C PHE A 470 -20.54 10.47 18.55
N LEU A 471 -20.07 9.64 17.63
CA LEU A 471 -20.65 8.32 17.42
C LEU A 471 -19.91 7.23 18.20
N SER A 472 -18.81 7.62 18.82
CA SER A 472 -17.91 6.67 19.47
C SER A 472 -18.56 5.81 20.55
N LYS A 473 -19.47 6.39 21.32
CA LYS A 473 -20.06 5.70 22.47
C LYS A 473 -20.99 4.55 22.04
N ARG A 474 -21.76 4.78 20.97
CA ARG A 474 -22.69 3.77 20.49
C ARG A 474 -21.95 2.55 19.94
N ILE A 475 -20.91 2.81 19.16
CA ILE A 475 -20.11 1.75 18.55
C ILE A 475 -19.53 0.79 19.60
N GLN A 476 -19.09 1.33 20.74
CA GLN A 476 -18.64 0.49 21.86
C GLN A 476 -19.81 -0.37 22.35
N GLY A 477 -19.55 -1.66 22.59
CA GLY A 477 -20.57 -2.57 23.07
C GLY A 477 -21.28 -3.33 21.96
N LEU A 478 -20.91 -3.05 20.72
CA LEU A 478 -21.49 -3.75 19.58
C LEU A 478 -20.47 -4.69 18.93
P PO4 B . 8.54 2.87 -26.27
O1 PO4 B . 8.54 1.70 -25.32
O2 PO4 B . 8.96 2.39 -27.63
O3 PO4 B . 7.14 3.43 -26.33
O4 PO4 B . 9.49 3.95 -25.80
C19 97M C . 5.40 14.46 16.66
C8 97M C . 5.57 21.52 11.30
C7 97M C . 6.76 21.76 10.40
C15 97M C . 4.68 15.35 15.67
C9 97M C . 5.95 21.46 12.76
C6 97M C . 7.57 22.97 10.82
C21 97M C . 12.60 28.00 6.98
C14 97M C . 5.35 16.70 15.51
C10 97M C . 5.47 20.49 13.56
C5 97M C . 7.16 24.21 10.07
C13 97M C . 4.44 17.72 14.85
C11 97M C . 4.51 19.45 13.00
C4 97M C . 8.03 24.49 8.86
C12 97M C . 4.88 18.04 13.44
C3 97M C . 9.26 25.31 9.21
C2 97M C . 9.94 25.86 7.97
C24 97M C . 10.87 28.87 5.42
C22 97M C . 12.17 28.11 5.54
O19 97M C . 12.08 26.07 8.95
C1 97M C . 11.22 26.59 8.27
O20 97M C . 11.43 27.89 7.76
O23 97M C . 13.19 28.71 4.76
O25 97M C . 10.19 28.42 4.27
C19 97M D . 15.32 -17.03 -9.21
C8 97M D . 15.31 -23.37 -7.65
C7 97M D . 14.46 -24.49 -8.21
C15 97M D . 16.66 -17.45 -8.63
C9 97M D . 16.34 -22.84 -8.63
C6 97M D . 13.23 -23.98 -8.92
C21 97M D . 9.81 -23.16 -1.91
C14 97M D . 16.66 -17.48 -7.12
C10 97M D . 17.16 -21.86 -8.26
C5 97M D . 12.34 -23.14 -8.02
C13 97M D . 17.23 -18.77 -6.58
C11 97M D . 17.08 -21.27 -6.86
C4 97M D . 11.32 -23.96 -7.26
C12 97M D . 16.32 -19.95 -6.84
C3 97M D . 10.84 -23.27 -6.00
C2 97M D . 9.46 -23.74 -5.60
C24 97M D . 10.83 -22.36 0.21
C22 97M D . 11.07 -23.12 -1.07
O19 97M D . 8.07 -23.79 -3.68
C1 97M D . 9.17 -23.53 -4.13
O20 97M D . 10.17 -23.06 -3.27
O23 97M D . 11.51 -24.43 -0.80
O25 97M D . 12.08 -22.03 0.77
C 97N E . 9.74 16.56 24.39
O 97N E . 8.10 26.60 12.93
C1 97N E . 9.05 16.26 23.08
O1 97N E . 8.78 28.55 13.88
C2 97N E . 7.66 16.87 22.99
O2 97N E . 11.94 28.39 13.63
C3 97N E . 7.05 16.73 21.62
O3 97N E . 12.88 30.17 12.29
C4 97N E . 6.35 17.99 21.15
C5 97N E . 6.85 18.42 19.78
C6 97N E . 5.92 19.39 19.09
C7 97N E . 6.34 20.09 18.01
C8 97N E . 7.75 19.92 17.49
C9 97N E . 8.36 21.24 17.09
C10 97N E . 7.39 22.09 16.31
C11 97N E . 7.62 23.58 16.48
C12 97N E . 7.78 24.29 15.16
C13 97N E . 6.81 25.46 15.03
C14 97N E . 7.48 26.82 15.20
C15 97N E . 8.13 27.29 13.92
C16 97N E . 9.70 28.69 12.82
C17 97N E . 10.95 29.35 13.38
C18 97N E . 11.49 30.39 12.41
C19 97M F . -0.50 20.24 16.87
C8 97M F . -4.43 25.17 11.27
C7 97M F . -4.05 25.74 9.93
C15 97M F . 0.05 20.51 15.49
C9 97M F . -3.63 23.92 11.61
C6 97M F . -4.60 24.92 8.78
C21 97M F . -6.90 30.02 2.36
C14 97M F . -0.92 21.26 14.61
C10 97M F . -2.52 23.60 10.89
C5 97M F . -5.39 25.75 7.79
C13 97M F . -0.53 21.22 13.15
C11 97M F . -1.74 22.34 11.24
C4 97M F . -4.53 26.81 7.13
C12 97M F . -0.86 22.54 12.46
C3 97M F . -5.36 27.87 6.44
C2 97M F . -5.38 27.70 4.94
C24 97M F . -5.92 31.12 0.35
C22 97M F . -5.69 30.75 1.80
O19 97M F . -5.93 29.98 4.81
C1 97M F . -5.94 28.92 4.23
O20 97M F . -6.46 28.82 2.94
O23 97M F . -5.48 31.94 2.54
O25 97M F . -4.79 31.82 -0.09
C19 97M G . -18.23 -5.75 -8.14
C8 97M G . -19.39 -0.44 -14.28
C7 97M G . -19.61 1.05 -14.40
C15 97M G . -18.25 -5.64 -9.66
C9 97M G . -20.69 -1.19 -14.14
C6 97M G . -19.35 1.58 -15.79
C21 97M G . -15.86 8.01 -18.16
C14 97M G . -17.97 -4.23 -10.14
C10 97M G . -20.86 -2.07 -13.13
C5 97M G . -17.92 1.31 -16.24
C13 97M G . -19.13 -3.30 -9.90
C11 97M G . -19.74 -2.28 -12.12
C4 97M G . -17.43 2.34 -17.23
C12 97M G . -20.13 -3.26 -11.03
C3 97M G . -16.72 3.48 -16.55
C2 97M G . -15.96 4.35 -17.54
C24 97M G . -15.27 8.36 -20.55
C22 97M G . -14.84 8.59 -19.12
O19 97M G . -16.89 6.21 -16.42
C1 97M G . -16.35 5.80 -17.43
O20 97M G . -16.09 6.67 -18.51
O23 97M G . -14.70 9.97 -18.90
O25 97M G . -14.24 8.80 -21.40
C19 97M H . -2.05 -21.71 -9.87
C8 97M H . -9.60 -22.11 -11.38
C7 97M H . -10.16 -22.95 -10.27
C15 97M H . -2.33 -20.22 -9.86
C9 97M H . -9.32 -20.69 -10.93
C6 97M H . -9.65 -24.38 -10.30
C21 97M H . -7.26 -30.12 -6.90
C14 97M H . -3.79 -19.92 -10.08
C10 97M H . -8.04 -20.24 -10.88
C5 97M H . -8.14 -24.42 -10.49
C13 97M H . -4.39 -20.87 -11.08
C11 97M H . -6.89 -21.13 -11.30
C4 97M H . -7.45 -25.34 -9.50
C12 97M H . -5.67 -20.32 -11.70
C3 97M H . -7.11 -26.69 -10.10
C2 97M H . -7.84 -27.82 -9.39
C24 97M H . -8.45 -32.23 -7.34
C22 97M H . -7.38 -31.56 -6.50
O19 97M H . -5.70 -28.58 -8.75
C1 97M H . -6.89 -28.83 -8.80
O20 97M H . -7.37 -30.05 -8.30
O23 97M H . -6.14 -32.22 -6.67
O25 97M H . -9.37 -32.86 -6.46
C 97N I . -1.94 24.18 15.69
O 97N I . -4.09 33.39 5.80
C1 97N I . -1.41 25.35 16.47
O1 97N I . -3.32 34.74 4.13
C2 97N I . -0.27 26.07 15.76
O2 97N I . -5.81 37.22 3.30
C3 97N I . -0.66 26.49 14.36
O3 97N I . -3.52 37.95 2.28
C4 97N I . -2.03 27.13 14.32
C5 97N I . -2.42 27.54 12.91
C6 97N I . -2.46 29.04 12.75
C7 97N I . -2.62 29.60 11.53
C8 97N I . -2.77 28.71 10.31
C9 97N I . -3.74 29.29 9.31
C10 97N I . -3.38 30.73 8.96
C11 97N I . -1.95 30.82 8.46
C12 97N I . -1.70 32.10 7.71
C13 97N I . -1.82 31.94 6.22
C14 97N I . -1.76 33.27 5.49
C15 97N I . -3.15 33.80 5.16
C16 97N I . -4.33 35.68 4.39
C17 97N I . -4.91 36.15 3.07
C18 97N I . -3.81 36.58 2.11
C19 97M J . -11.70 28.02 16.06
C8 97M J . -14.79 21.22 20.42
C7 97M J . -15.76 20.08 20.14
C15 97M J . -12.91 27.59 16.83
C9 97M J . -13.42 20.95 19.85
C6 97M J . -15.31 18.78 20.75
C21 97M J . -19.11 12.47 23.35
C14 97M J . -13.27 26.15 16.58
C10 97M J . -12.74 21.96 19.28
C5 97M J . -16.43 17.77 20.84
C13 97M J . -13.68 25.41 17.84
C11 97M J . -13.36 23.34 19.23
C4 97M J . -15.96 16.43 21.34
C12 97M J . -12.86 24.18 18.07
C3 97M J . -16.88 15.85 22.40
C2 97M J . -18.33 15.89 21.99
C24 97M J . -17.18 11.06 24.02
C22 97M J . -18.40 11.15 23.13
O19 97M J . -20.27 14.73 22.70
C1 97M J . -19.07 14.68 22.49
O20 97M J . -18.35 13.48 22.73
O23 97M J . -19.28 10.09 23.41
O25 97M J . -16.42 9.92 23.63
C19 97M K . -5.62 23.54 14.54
C8 97M K . -9.00 26.60 7.91
C7 97M K . -9.29 26.46 6.43
C15 97M K . -6.80 23.84 13.64
C9 97M K . -9.56 25.45 8.72
C6 97M K . -10.72 26.79 6.09
C21 97M K . -10.30 28.86 -1.81
C14 97M K . -8.06 23.12 14.07
C10 97M K . -9.25 25.37 10.03
C5 97M K . -10.88 27.12 4.61
C13 97M K . -9.06 23.01 12.94
C11 97M K . -9.80 24.23 10.87
C4 97M K . -10.30 28.47 4.27
C12 97M K . -9.36 24.34 12.32
C3 97M K . -9.57 28.47 2.95
C2 97M K . -10.35 27.79 1.84
C24 97M K . -11.03 27.92 -3.99
C22 97M K . -11.41 28.84 -2.85
O19 97M K . -8.69 28.38 0.28
C1 97M K . -9.88 28.19 0.47
O20 97M K . -10.81 28.34 -0.59
O23 97M K . -12.60 28.39 -2.25
O25 97M K . -12.21 27.41 -4.58
C19 97M L . 17.28 -12.94 -13.11
C8 97M L . 20.59 -6.49 -13.75
C7 97M L . 21.35 -5.65 -14.75
C15 97M L . 18.59 -12.58 -12.44
C9 97M L . 19.20 -6.83 -14.24
C6 97M L . 20.56 -4.45 -15.22
C21 97M L . 20.94 2.57 -18.76
C14 97M L . 18.42 -11.66 -11.26
C10 97M L . 18.34 -7.50 -13.44
C5 97M L . 21.34 -3.58 -16.19
C13 97M L . 17.99 -10.26 -11.66
C11 97M L . 18.78 -7.92 -12.05
C4 97M L . 20.55 -2.43 -16.76
C12 97M L . 19.18 -9.38 -11.97
C3 97M L . 21.36 -1.63 -17.75
C2 97M L . 20.95 -0.17 -17.80
C24 97M L . 21.97 4.83 -18.79
C22 97M L . 21.08 3.86 -19.55
O19 97M L . 19.83 -0.40 -19.88
C1 97M L . 20.56 0.28 -19.19
O20 97M L . 21.05 1.50 -19.68
O23 97M L . 21.65 3.59 -20.81
O25 97M L . 21.79 6.12 -19.34
#